data_7BAC
#
_entry.id   7BAC
#
_cell.length_a   60.403
_cell.length_b   72.235
_cell.length_c   78.696
_cell.angle_alpha   90.000
_cell.angle_beta   90.000
_cell.angle_gamma   90.000
#
_symmetry.space_group_name_H-M   'P 21 21 21'
#
loop_
_entity.id
_entity.type
_entity.pdbx_description
1 polymer 'Palmitoleoyl-protein carboxylesterase NOTUM'
2 non-polymer 'SULFATE ION'
3 non-polymer 2-acetamido-2-deoxy-beta-D-glucopyranose
4 non-polymer 'DIMETHYL SULFOXIDE'
5 non-polymer 1-(1,3-benzodioxol-5-yl)-~{N}-[[(2~{R})-oxolan-2-yl]methyl]methanamine
6 water water
#
_entity_poly.entity_id   1
_entity_poly.type   'polypeptide(L)'
_entity_poly.pdbx_seq_one_letter_code
;ETGSAQQLNEDLRLHLLLNTSVTCNDGSPAGYYLKESRGSRRWLLFLEGGWYCFNRENCDSRYDTMRRLMSSRDWPRTRT
GTGILSSQPEENPYWWNANMVFIPYCSSDVWSGASSKSEKNEYAFMGALIIQEVVRELLGRGLSGAKVLLLAGSSAGGTG
VLLNVDRVAEQLEKLGYPAIQVRGLADSGWFLDNKQYRHTDCVDTITCAPTEAIRRGIRYWNGVVPERCRRQFQEGEEWN
CFFGYKVYPTLRSPVFVVQWLFDEAQLTVDNVHLTGQPVQEGLRLYIQNLGRELRHTLKDVPASFAPACLSHEIIIRSHW
TDVQVKGTSLPRALHCWDRSLHDSHKASKTPLKGCPVHLVDSCPWPHCNPSCPTGTKHHHHHH
;
_entity_poly.pdbx_strand_id   A
#
loop_
_chem_comp.id
_chem_comp.type
_chem_comp.name
_chem_comp.formula
DMS non-polymer 'DIMETHYL SULFOXIDE' 'C2 H6 O S'
LO5 non-polymer 1-(1,3-benzodioxol-5-yl)-~{N}-[[(2~{R})-oxolan-2-yl]methyl]methanamine 'C13 H17 N O3'
NAG D-saccharide, beta linking 2-acetamido-2-deoxy-beta-D-glucopyranose 'C8 H15 N O6'
SO4 non-polymer 'SULFATE ION' 'O4 S -2'
#
# COMPACT_ATOMS: atom_id res chain seq x y z
N ASP A 11 9.63 10.82 17.20
CA ASP A 11 9.74 9.38 17.38
C ASP A 11 8.38 8.74 17.66
N LEU A 12 8.10 7.64 16.98
CA LEU A 12 6.93 6.81 17.24
C LEU A 12 7.37 5.64 18.09
N ARG A 13 6.54 5.28 19.08
CA ARG A 13 6.90 4.27 20.09
C ARG A 13 6.20 2.94 19.83
N LEU A 14 6.95 1.84 19.95
CA LEU A 14 6.41 0.50 19.68
C LEU A 14 5.43 0.04 20.76
N HIS A 15 4.30 -0.52 20.31
CA HIS A 15 3.38 -1.30 21.12
C HIS A 15 3.17 -2.65 20.46
N LEU A 16 3.44 -3.75 21.18
CA LEU A 16 3.11 -5.06 20.67
C LEU A 16 1.66 -5.39 21.00
N LEU A 17 1.00 -6.11 20.11
CA LEU A 17 -0.44 -6.36 20.28
C LEU A 17 -0.73 -7.13 21.57
N LEU A 18 -1.76 -6.68 22.30
CA LEU A 18 -2.17 -7.38 23.51
C LEU A 18 -2.81 -8.72 23.19
N ASN A 19 -3.46 -8.83 22.04
CA ASN A 19 -4.00 -10.10 21.58
C ASN A 19 -2.85 -10.91 20.99
N THR A 20 -2.32 -11.84 21.78
CA THR A 20 -1.13 -12.60 21.41
C THR A 20 -1.38 -13.61 20.29
N SER A 21 -2.64 -13.84 19.92
CA SER A 21 -2.97 -14.76 18.84
CA SER A 21 -2.96 -14.77 18.85
C SER A 21 -2.80 -14.14 17.46
N VAL A 22 -2.58 -12.85 17.38
CA VAL A 22 -2.39 -12.13 16.11
C VAL A 22 -0.90 -11.95 15.92
N THR A 23 -0.29 -12.72 15.01
CA THR A 23 1.16 -12.85 14.99
C THR A 23 1.76 -12.54 13.62
N CYS A 24 3.05 -12.22 13.65
CA CYS A 24 3.93 -12.21 12.49
C CYS A 24 4.11 -13.64 11.98
N ASN A 25 4.87 -13.78 10.88
CA ASN A 25 5.06 -15.09 10.23
C ASN A 25 5.54 -16.17 11.19
N ASP A 26 6.44 -15.86 12.11
CA ASP A 26 7.06 -16.89 12.95
C ASP A 26 6.37 -17.07 14.30
N GLY A 27 5.17 -16.50 14.48
CA GLY A 27 4.44 -16.63 15.71
C GLY A 27 4.71 -15.57 16.75
N SER A 28 5.69 -14.69 16.54
CA SER A 28 5.90 -13.57 17.46
C SER A 28 4.77 -12.55 17.32
N PRO A 29 4.51 -11.75 18.37
CA PRO A 29 3.38 -10.81 18.28
C PRO A 29 3.64 -9.74 17.22
N ALA A 30 2.58 -9.39 16.49
CA ALA A 30 2.60 -8.21 15.62
C ALA A 30 2.50 -6.95 16.50
N GLY A 31 2.47 -5.78 15.87
CA GLY A 31 2.46 -4.55 16.65
C GLY A 31 2.29 -3.32 15.78
N TYR A 32 2.50 -2.16 16.40
CA TYR A 32 2.39 -0.86 15.72
C TYR A 32 3.24 0.16 16.48
N TYR A 33 3.72 1.16 15.76
CA TYR A 33 4.41 2.32 16.35
C TYR A 33 3.45 3.51 16.36
N LEU A 34 3.38 4.23 17.50
CA LEU A 34 2.41 5.30 17.68
C LEU A 34 3.05 6.58 18.19
N LYS A 35 2.66 7.72 17.60
CA LYS A 35 2.92 9.04 18.17
C LYS A 35 1.59 9.78 18.25
N GLU A 36 1.11 10.03 19.47
CA GLU A 36 -0.18 10.70 19.63
C GLU A 36 -0.05 12.20 19.45
N SER A 37 -1.13 12.82 19.00
CA SER A 37 -1.28 14.28 18.91
C SER A 37 -2.63 14.58 19.55
N ARG A 38 -2.63 14.82 20.87
CA ARG A 38 -3.89 14.88 21.60
C ARG A 38 -4.77 16.04 21.16
N GLY A 39 -4.21 17.06 20.53
CA GLY A 39 -5.06 18.11 20.01
C GLY A 39 -5.67 17.89 18.65
N SER A 40 -5.60 16.67 18.10
CA SER A 40 -6.03 16.41 16.73
C SER A 40 -7.00 15.24 16.68
N ARG A 41 -8.00 15.34 15.80
CA ARG A 41 -8.91 14.23 15.55
C ARG A 41 -8.62 13.55 14.21
N ARG A 42 -7.44 13.76 13.63
CA ARG A 42 -7.01 13.07 12.41
C ARG A 42 -6.02 11.96 12.76
N TRP A 43 -6.19 10.80 12.13
CA TRP A 43 -5.39 9.60 12.37
C TRP A 43 -4.84 9.07 11.07
N LEU A 44 -3.52 8.85 11.02
CA LEU A 44 -2.87 8.27 9.84
C LEU A 44 -2.29 6.91 10.22
N LEU A 45 -2.80 5.86 9.57
CA LEU A 45 -2.31 4.49 9.75
C LEU A 45 -1.61 4.06 8.46
N PHE A 46 -0.28 3.88 8.53
CA PHE A 46 0.54 3.59 7.36
C PHE A 46 0.95 2.12 7.34
N LEU A 47 0.75 1.47 6.19
CA LEU A 47 1.14 0.06 5.95
C LEU A 47 2.48 -0.01 5.22
N GLU A 48 3.49 -0.63 5.86
CA GLU A 48 4.78 -0.90 5.25
C GLU A 48 4.64 -1.89 4.11
N GLY A 49 5.55 -1.80 3.14
CA GLY A 49 5.65 -2.73 2.03
C GLY A 49 6.89 -3.58 2.10
N GLY A 50 7.12 -4.33 1.00
CA GLY A 50 8.29 -5.20 0.89
C GLY A 50 8.08 -6.58 0.28
N TRP A 51 7.47 -6.66 -0.90
CA TRP A 51 7.30 -7.91 -1.64
C TRP A 51 6.41 -8.87 -0.82
N TYR A 52 6.65 -10.19 -0.91
CA TYR A 52 5.83 -11.22 -0.29
C TYR A 52 6.56 -12.56 -0.50
N CYS A 53 6.05 -13.63 0.13
CA CYS A 53 6.52 -14.98 -0.22
C CYS A 53 5.31 -15.90 -0.35
N PHE A 54 5.41 -16.90 -1.25
CA PHE A 54 4.21 -17.66 -1.59
C PHE A 54 4.35 -19.18 -1.53
N ASN A 55 5.47 -19.71 -1.03
CA ASN A 55 5.58 -21.14 -0.72
C ASN A 55 6.64 -21.34 0.35
N ARG A 56 6.80 -22.59 0.79
CA ARG A 56 7.67 -22.88 1.93
C ARG A 56 9.10 -22.49 1.64
N GLU A 57 9.59 -22.85 0.46
CA GLU A 57 11.00 -22.61 0.14
C GLU A 57 11.31 -21.13 0.05
N ASN A 58 10.48 -20.32 -0.60
CA ASN A 58 10.87 -18.92 -0.65
C ASN A 58 10.57 -18.17 0.64
N CYS A 59 9.62 -18.62 1.45
CA CYS A 59 9.47 -18.03 2.77
C CYS A 59 10.67 -18.37 3.68
N ASP A 60 11.21 -19.60 3.55
CA ASP A 60 12.38 -19.97 4.35
C ASP A 60 13.57 -19.06 4.03
N SER A 61 13.77 -18.76 2.75
CA SER A 61 14.86 -17.88 2.34
C SER A 61 14.66 -16.46 2.87
N ARG A 62 13.42 -15.96 2.79
CA ARG A 62 13.11 -14.63 3.33
C ARG A 62 13.39 -14.56 4.84
N TYR A 63 13.18 -15.67 5.56
CA TYR A 63 13.39 -15.63 7.02
C TYR A 63 14.86 -15.51 7.38
N ASP A 64 15.77 -15.88 6.49
CA ASP A 64 17.19 -15.78 6.80
C ASP A 64 17.78 -14.40 6.57
N THR A 65 17.29 -13.66 5.57
CA THR A 65 17.92 -12.41 5.17
C THR A 65 16.95 -11.23 5.09
N MET A 66 15.68 -11.44 5.40
CA MET A 66 14.69 -10.35 5.47
C MET A 66 13.79 -10.58 6.68
N ARG A 67 14.40 -10.91 7.83
CA ARG A 67 13.66 -11.42 8.98
C ARG A 67 12.83 -10.34 9.68
N ARG A 68 13.22 -9.06 9.58
CA ARG A 68 12.36 -8.02 10.15
C ARG A 68 11.01 -7.93 9.46
N LEU A 69 10.87 -8.51 8.25
CA LEU A 69 9.60 -8.60 7.53
C LEU A 69 8.85 -9.89 7.83
N MET A 70 9.30 -10.68 8.83
CA MET A 70 8.64 -11.93 9.20
C MET A 70 8.55 -12.12 10.71
N SER A 71 8.99 -11.16 11.52
CA SER A 71 9.19 -11.36 12.96
C SER A 71 9.31 -9.99 13.64
N SER A 72 8.78 -9.89 14.86
CA SER A 72 9.00 -8.71 15.71
C SER A 72 10.15 -8.89 16.68
N ARG A 73 10.88 -10.02 16.60
CA ARG A 73 11.85 -10.33 17.64
C ARG A 73 12.95 -9.27 17.74
N ASP A 74 13.29 -8.63 16.63
CA ASP A 74 14.41 -7.69 16.58
C ASP A 74 13.98 -6.24 16.34
N TRP A 75 12.69 -5.92 16.48
CA TRP A 75 12.22 -4.56 16.22
C TRP A 75 12.74 -3.58 17.28
N PRO A 76 13.10 -2.36 16.89
CA PRO A 76 13.51 -1.35 17.87
C PRO A 76 12.30 -0.73 18.58
N ARG A 77 12.56 -0.11 19.74
CA ARG A 77 11.48 0.45 20.55
C ARG A 77 10.85 1.68 19.90
N THR A 78 11.59 2.39 19.05
CA THR A 78 11.12 3.62 18.44
C THR A 78 11.46 3.64 16.95
N ARG A 79 10.74 4.48 16.23
CA ARG A 79 11.00 4.79 14.82
C ARG A 79 10.81 6.28 14.62
N THR A 80 11.63 6.89 13.77
CA THR A 80 11.44 8.30 13.43
C THR A 80 10.43 8.43 12.29
N GLY A 81 9.45 9.31 12.46
CA GLY A 81 8.49 9.55 11.39
C GLY A 81 9.11 10.40 10.29
N THR A 82 8.92 9.97 9.04
CA THR A 82 9.47 10.65 7.88
C THR A 82 8.38 10.89 6.86
N GLY A 83 8.55 11.93 6.04
CA GLY A 83 7.57 12.21 5.01
C GLY A 83 6.22 12.55 5.61
N ILE A 84 5.17 11.86 5.11
CA ILE A 84 3.80 12.06 5.60
C ILE A 84 3.65 11.66 7.07
N LEU A 85 4.61 10.90 7.62
CA LEU A 85 4.63 10.55 9.04
C LEU A 85 5.46 11.52 9.89
N SER A 86 6.04 12.56 9.28
CA SER A 86 6.75 13.60 10.03
C SER A 86 5.78 14.53 10.75
N SER A 87 6.16 14.93 11.97
CA SER A 87 5.40 15.90 12.76
C SER A 87 5.86 17.34 12.56
N GLN A 88 6.77 17.59 11.61
CA GLN A 88 7.31 18.93 11.36
C GLN A 88 6.66 19.50 10.10
N PRO A 89 6.05 20.69 10.16
CA PRO A 89 5.42 21.23 8.93
C PRO A 89 6.41 21.47 7.81
N GLU A 90 7.69 21.71 8.14
CA GLU A 90 8.69 21.89 7.09
C GLU A 90 8.81 20.66 6.20
N GLU A 91 8.77 19.45 6.80
CA GLU A 91 8.86 18.20 6.08
C GLU A 91 7.50 17.66 5.65
N ASN A 92 6.43 18.02 6.36
CA ASN A 92 5.08 17.48 6.12
C ASN A 92 4.08 18.62 6.09
N PRO A 93 3.93 19.30 4.96
CA PRO A 93 2.93 20.38 4.86
C PRO A 93 1.49 19.90 4.98
N TYR A 94 1.22 18.64 4.70
CA TYR A 94 -0.15 18.11 4.65
C TYR A 94 -0.73 17.86 6.05
N TRP A 95 -0.17 16.90 6.80
CA TRP A 95 -0.80 16.40 8.04
C TRP A 95 0.16 16.37 9.21
N TRP A 96 0.99 17.43 9.39
CA TRP A 96 2.02 17.39 10.42
C TRP A 96 1.47 17.28 11.85
N ASN A 97 0.23 17.70 12.11
CA ASN A 97 -0.34 17.68 13.46
C ASN A 97 -1.20 16.43 13.73
N ALA A 98 -1.17 15.43 12.86
CA ALA A 98 -2.03 14.26 13.02
C ALA A 98 -1.44 13.27 14.02
N ASN A 99 -2.30 12.38 14.51
CA ASN A 99 -1.85 11.18 15.20
C ASN A 99 -1.23 10.20 14.21
N MET A 100 0.00 9.76 14.47
CA MET A 100 0.79 8.99 13.50
C MET A 100 0.93 7.54 13.93
N VAL A 101 0.67 6.61 12.99
CA VAL A 101 0.80 5.18 13.25
C VAL A 101 1.53 4.53 12.08
N PHE A 102 2.57 3.76 12.39
CA PHE A 102 3.33 2.95 11.43
C PHE A 102 3.13 1.49 11.78
N ILE A 103 2.54 0.71 10.87
CA ILE A 103 2.28 -0.71 11.11
C ILE A 103 3.30 -1.54 10.33
N PRO A 104 4.26 -2.17 11.00
CA PRO A 104 5.25 -2.98 10.27
C PRO A 104 4.61 -4.16 9.54
N TYR A 105 5.16 -4.45 8.36
CA TYR A 105 4.77 -5.56 7.49
C TYR A 105 5.56 -6.81 7.88
N CYS A 106 4.96 -7.69 8.70
CA CYS A 106 5.64 -8.93 9.10
C CYS A 106 4.83 -10.18 8.73
N SER A 107 3.94 -10.07 7.73
CA SER A 107 3.09 -11.18 7.32
C SER A 107 3.32 -11.69 5.89
N SER A 108 4.09 -10.98 5.04
CA SER A 108 4.54 -11.49 3.73
C SER A 108 3.40 -11.93 2.80
N ASP A 109 2.22 -11.30 2.92
CA ASP A 109 0.99 -11.75 2.28
C ASP A 109 0.23 -10.60 1.61
N VAL A 110 0.90 -9.48 1.34
CA VAL A 110 0.28 -8.26 0.76
C VAL A 110 -0.90 -7.84 1.64
N TRP A 111 -0.80 -8.09 2.94
CA TRP A 111 -1.81 -7.68 3.93
C TRP A 111 -3.17 -8.37 3.71
N SER A 112 -3.16 -9.59 3.13
CA SER A 112 -4.39 -10.29 2.79
C SER A 112 -4.70 -11.51 3.66
N GLY A 113 -3.74 -11.98 4.46
CA GLY A 113 -3.86 -13.32 5.01
C GLY A 113 -4.74 -13.42 6.25
N ALA A 114 -5.31 -14.60 6.45
CA ALA A 114 -6.06 -14.92 7.65
C ALA A 114 -5.85 -16.39 8.04
N SER A 115 -4.60 -16.74 8.37
N SER A 115 -4.60 -16.74 8.33
CA SER A 115 -4.25 -18.13 8.67
CA SER A 115 -4.27 -18.11 8.70
C SER A 115 -3.17 -18.17 9.75
C SER A 115 -3.21 -18.10 9.80
N SER A 116 -3.40 -18.96 10.81
CA SER A 116 -2.48 -19.10 11.92
C SER A 116 -1.46 -20.21 11.68
N LYS A 117 -0.31 -20.08 12.34
CA LYS A 117 0.63 -21.18 12.43
C LYS A 117 0.01 -22.31 13.24
N SER A 118 0.21 -23.55 12.79
CA SER A 118 -0.52 -24.71 13.28
C SER A 118 0.27 -25.97 12.92
N GLU A 119 -0.31 -27.14 13.26
CA GLU A 119 0.32 -28.40 12.91
C GLU A 119 0.48 -28.59 11.40
N LYS A 120 -0.31 -27.88 10.59
CA LYS A 120 -0.24 -28.01 9.14
C LYS A 120 0.35 -26.79 8.45
N ASN A 121 0.68 -25.73 9.20
CA ASN A 121 1.15 -24.47 8.63
C ASN A 121 2.43 -24.07 9.36
N GLU A 122 3.57 -24.10 8.65
CA GLU A 122 4.83 -23.69 9.27
C GLU A 122 4.84 -22.20 9.62
N TYR A 123 4.16 -21.38 8.83
CA TYR A 123 4.11 -19.93 9.05
C TYR A 123 2.67 -19.46 9.22
N ALA A 124 2.53 -18.33 9.92
CA ALA A 124 1.25 -17.62 10.02
C ALA A 124 1.23 -16.49 8.99
N PHE A 125 0.09 -16.32 8.34
CA PHE A 125 -0.12 -15.21 7.39
C PHE A 125 -1.37 -14.47 7.84
N MET A 126 -1.21 -13.39 8.60
CA MET A 126 -2.32 -12.78 9.33
C MET A 126 -2.49 -11.29 9.01
N GLY A 127 -2.04 -10.85 7.82
CA GLY A 127 -2.04 -9.42 7.51
C GLY A 127 -3.40 -8.75 7.64
N ALA A 128 -4.46 -9.40 7.15
CA ALA A 128 -5.77 -8.76 7.23
C ALA A 128 -6.27 -8.65 8.67
N LEU A 129 -5.87 -9.61 9.52
CA LEU A 129 -6.28 -9.61 10.92
C LEU A 129 -5.40 -8.68 11.77
N ILE A 130 -4.15 -8.46 11.36
CA ILE A 130 -3.27 -7.51 12.04
C ILE A 130 -3.85 -6.10 11.94
N ILE A 131 -4.31 -5.70 10.75
CA ILE A 131 -4.91 -4.37 10.59
C ILE A 131 -6.14 -4.23 11.48
N GLN A 132 -7.00 -5.26 11.49
CA GLN A 132 -8.22 -5.21 12.29
C GLN A 132 -7.93 -5.07 13.79
N GLU A 133 -6.88 -5.76 14.29
CA GLU A 133 -6.56 -5.70 15.71
C GLU A 133 -5.86 -4.39 16.09
N VAL A 134 -5.04 -3.83 15.18
CA VAL A 134 -4.47 -2.51 15.45
C VAL A 134 -5.57 -1.47 15.62
N VAL A 135 -6.53 -1.44 14.68
CA VAL A 135 -7.67 -0.52 14.78
C VAL A 135 -8.40 -0.71 16.11
N ARG A 136 -8.65 -1.96 16.48
CA ARG A 136 -9.37 -2.22 17.73
C ARG A 136 -8.63 -1.67 18.94
N GLU A 137 -7.32 -1.90 19.01
CA GLU A 137 -6.60 -1.48 20.22
C GLU A 137 -6.38 0.04 20.23
N LEU A 138 -6.31 0.68 19.06
CA LEU A 138 -6.20 2.14 19.01
C LEU A 138 -7.47 2.84 19.46
N LEU A 139 -8.64 2.18 19.33
CA LEU A 139 -9.87 2.84 19.75
C LEU A 139 -9.88 3.11 21.24
N GLY A 140 -9.10 2.38 22.02
CA GLY A 140 -8.91 2.65 23.43
C GLY A 140 -7.81 3.64 23.75
N ARG A 141 -7.11 4.14 22.74
CA ARG A 141 -6.02 5.09 22.93
C ARG A 141 -6.26 6.42 22.23
N GLY A 142 -7.53 6.75 21.94
CA GLY A 142 -7.88 8.03 21.35
C GLY A 142 -8.57 7.95 20.00
N LEU A 143 -8.45 6.84 19.26
CA LEU A 143 -9.08 6.78 17.94
C LEU A 143 -10.61 6.85 18.04
N SER A 144 -11.17 6.61 19.22
CA SER A 144 -12.62 6.74 19.40
C SER A 144 -13.10 8.16 19.12
N GLY A 145 -12.24 9.16 19.31
CA GLY A 145 -12.64 10.54 19.07
C GLY A 145 -12.25 11.08 17.70
N ALA A 146 -11.91 10.22 16.75
CA ALA A 146 -11.44 10.68 15.44
C ALA A 146 -12.60 11.18 14.55
N LYS A 147 -12.26 12.13 13.66
CA LYS A 147 -13.12 12.53 12.55
C LYS A 147 -12.73 11.86 11.23
N VAL A 148 -11.43 11.62 11.01
CA VAL A 148 -10.92 11.06 9.76
C VAL A 148 -9.84 10.02 10.12
N LEU A 149 -9.94 8.84 9.52
CA LEU A 149 -8.88 7.82 9.58
C LEU A 149 -8.42 7.58 8.16
N LEU A 150 -7.18 7.98 7.85
CA LEU A 150 -6.58 7.75 6.53
C LEU A 150 -5.72 6.50 6.62
N LEU A 151 -6.12 5.44 5.93
CA LEU A 151 -5.31 4.22 5.81
C LEU A 151 -4.40 4.39 4.59
N ALA A 152 -3.09 4.52 4.82
CA ALA A 152 -2.09 4.76 3.77
C ALA A 152 -1.11 3.60 3.71
N GLY A 153 -0.31 3.54 2.64
CA GLY A 153 0.67 2.45 2.51
C GLY A 153 1.46 2.59 1.21
N SER A 154 2.66 2.02 1.22
CA SER A 154 3.56 2.07 0.07
C SER A 154 3.89 0.67 -0.43
N SER A 155 3.98 0.55 -1.77
CA SER A 155 4.36 -0.67 -2.49
CA SER A 155 4.36 -0.67 -2.49
C SER A 155 3.41 -1.78 -2.10
N ALA A 156 3.85 -2.93 -1.54
CA ALA A 156 2.89 -3.96 -1.13
C ALA A 156 1.88 -3.40 -0.11
N GLY A 157 2.30 -2.40 0.67
CA GLY A 157 1.36 -1.75 1.58
C GLY A 157 0.32 -0.91 0.87
N GLY A 158 0.65 -0.38 -0.32
CA GLY A 158 -0.34 0.34 -1.10
C GLY A 158 -1.40 -0.59 -1.67
N THR A 159 -0.98 -1.76 -2.16
CA THR A 159 -1.96 -2.77 -2.55
C THR A 159 -2.81 -3.17 -1.33
N GLY A 160 -2.16 -3.30 -0.15
CA GLY A 160 -2.89 -3.58 1.09
C GLY A 160 -4.00 -2.58 1.42
N VAL A 161 -3.77 -1.29 1.13
CA VAL A 161 -4.84 -0.28 1.30
C VAL A 161 -6.06 -0.65 0.47
N LEU A 162 -5.83 -1.02 -0.79
CA LEU A 162 -6.93 -1.32 -1.70
C LEU A 162 -7.72 -2.54 -1.22
N LEU A 163 -7.03 -3.52 -0.65
CA LEU A 163 -7.67 -4.73 -0.17
C LEU A 163 -8.42 -4.55 1.15
N ASN A 164 -8.04 -3.56 1.96
CA ASN A 164 -8.50 -3.48 3.35
C ASN A 164 -9.30 -2.24 3.73
N VAL A 165 -9.32 -1.18 2.89
CA VAL A 165 -9.91 0.09 3.34
C VAL A 165 -11.41 -0.06 3.64
N ASP A 166 -12.17 -0.74 2.77
CA ASP A 166 -13.59 -0.94 3.03
C ASP A 166 -13.81 -1.87 4.23
N ARG A 167 -12.90 -2.79 4.50
CA ARG A 167 -13.08 -3.62 5.68
C ARG A 167 -12.89 -2.81 6.96
N VAL A 168 -11.96 -1.85 6.95
CA VAL A 168 -11.82 -0.96 8.12
C VAL A 168 -13.08 -0.12 8.31
N ALA A 169 -13.65 0.37 7.21
CA ALA A 169 -14.89 1.15 7.31
C ALA A 169 -16.03 0.32 7.88
N GLU A 170 -16.16 -0.93 7.42
CA GLU A 170 -17.22 -1.81 7.92
C GLU A 170 -17.00 -2.12 9.39
N GLN A 171 -15.74 -2.35 9.78
CA GLN A 171 -15.41 -2.66 11.17
C GLN A 171 -15.81 -1.53 12.10
N LEU A 172 -15.49 -0.28 11.72
CA LEU A 172 -15.82 0.84 12.60
C LEU A 172 -17.33 1.05 12.67
N GLU A 173 -18.05 0.82 11.57
CA GLU A 173 -19.51 0.94 11.63
C GLU A 173 -20.11 -0.09 12.56
N LYS A 174 -19.66 -1.34 12.48
CA LYS A 174 -20.18 -2.40 13.32
C LYS A 174 -19.82 -2.22 14.79
N LEU A 175 -18.75 -1.49 15.10
CA LEU A 175 -18.35 -1.21 16.48
C LEU A 175 -19.04 0.02 17.06
N GLY A 176 -19.87 0.71 16.28
CA GLY A 176 -20.60 1.86 16.77
C GLY A 176 -19.96 3.21 16.54
N TYR A 177 -19.08 3.35 15.54
CA TYR A 177 -18.45 4.62 15.19
C TYR A 177 -18.75 4.97 13.74
N PRO A 178 -20.02 5.16 13.37
CA PRO A 178 -20.32 5.53 11.97
C PRO A 178 -19.85 6.92 11.60
N ALA A 179 -19.47 7.77 12.57
CA ALA A 179 -19.09 9.14 12.26
C ALA A 179 -17.64 9.28 11.80
N ILE A 180 -16.79 8.29 12.06
CA ILE A 180 -15.40 8.37 11.62
C ILE A 180 -15.36 8.14 10.11
N GLN A 181 -14.77 9.09 9.38
CA GLN A 181 -14.65 8.97 7.93
C GLN A 181 -13.38 8.21 7.59
N VAL A 182 -13.52 7.02 6.99
CA VAL A 182 -12.38 6.20 6.57
C VAL A 182 -12.06 6.49 5.10
N ARG A 183 -10.78 6.71 4.81
CA ARG A 183 -10.30 6.99 3.46
C ARG A 183 -9.01 6.20 3.22
N GLY A 184 -8.63 6.05 1.95
CA GLY A 184 -7.41 5.33 1.59
C GLY A 184 -6.44 6.18 0.76
N LEU A 185 -5.14 5.92 0.96
CA LEU A 185 -4.04 6.52 0.19
C LEU A 185 -3.09 5.41 -0.25
N ALA A 186 -3.16 5.01 -1.52
CA ALA A 186 -2.39 3.88 -2.03
C ALA A 186 -1.22 4.39 -2.88
N ASP A 187 0.01 4.16 -2.40
CA ASP A 187 1.24 4.65 -3.01
C ASP A 187 2.02 3.48 -3.60
N SER A 188 2.25 3.51 -4.91
CA SER A 188 3.12 2.54 -5.58
C SER A 188 2.58 1.11 -5.45
N GLY A 189 1.25 0.99 -5.33
CA GLY A 189 0.62 -0.32 -5.28
C GLY A 189 -0.40 -0.60 -6.37
N TRP A 190 -0.35 0.15 -7.47
CA TRP A 190 -1.27 0.07 -8.61
C TRP A 190 -0.53 -0.57 -9.79
N PHE A 191 -0.61 -1.91 -9.87
CA PHE A 191 0.14 -2.68 -10.86
C PHE A 191 -0.75 -3.16 -12.01
N LEU A 192 -0.10 -3.45 -13.16
CA LEU A 192 -0.78 -3.97 -14.35
C LEU A 192 -0.39 -5.42 -14.57
N ASP A 193 -1.39 -6.27 -14.82
CA ASP A 193 -1.16 -7.65 -15.25
C ASP A 193 -0.95 -7.70 -16.76
N ASN A 194 0.10 -7.02 -17.21
CA ASN A 194 0.33 -6.75 -18.62
C ASN A 194 1.25 -7.79 -19.26
N LYS A 195 1.36 -7.70 -20.58
CA LYS A 195 2.33 -8.50 -21.31
C LYS A 195 3.76 -8.11 -20.91
N GLN A 196 4.57 -9.10 -20.57
CA GLN A 196 5.94 -8.89 -20.16
C GLN A 196 6.86 -8.69 -21.37
N TYR A 197 8.02 -8.04 -21.12
CA TYR A 197 8.98 -7.76 -22.18
C TYR A 197 9.77 -9.00 -22.57
N ARG A 198 10.12 -9.82 -21.58
CA ARG A 198 10.59 -11.21 -21.79
C ARG A 198 9.83 -12.12 -20.82
N HIS A 199 9.70 -13.41 -21.18
CA HIS A 199 8.76 -14.31 -20.53
C HIS A 199 9.45 -15.52 -19.91
N THR A 200 9.00 -15.91 -18.72
CA THR A 200 9.43 -17.17 -18.10
C THR A 200 8.22 -17.87 -17.48
N ASP A 201 8.10 -19.18 -17.71
CA ASP A 201 7.06 -19.92 -17.04
C ASP A 201 7.35 -20.02 -15.54
N CYS A 202 6.28 -20.20 -14.75
CA CYS A 202 6.36 -20.16 -13.29
C CYS A 202 6.85 -21.51 -12.77
N VAL A 203 8.14 -21.60 -12.47
CA VAL A 203 8.70 -22.80 -11.86
C VAL A 203 9.41 -22.52 -10.54
N ASP A 204 9.65 -21.26 -10.18
CA ASP A 204 10.30 -20.93 -8.92
C ASP A 204 10.00 -19.46 -8.61
N THR A 205 10.65 -18.95 -7.56
CA THR A 205 10.35 -17.61 -7.09
C THR A 205 10.53 -16.55 -8.19
N ILE A 206 11.71 -16.52 -8.81
CA ILE A 206 12.03 -15.39 -9.68
C ILE A 206 11.36 -15.48 -11.04
N THR A 207 10.97 -16.67 -11.50
CA THR A 207 10.34 -16.80 -12.82
C THR A 207 8.83 -16.64 -12.79
N CYS A 208 8.21 -16.56 -11.62
CA CYS A 208 6.75 -16.59 -11.50
CA CYS A 208 6.76 -16.60 -11.50
C CYS A 208 6.19 -15.18 -11.59
N ALA A 209 5.46 -14.90 -12.66
CA ALA A 209 4.80 -13.60 -12.81
C ALA A 209 3.80 -13.36 -11.67
N PRO A 210 3.55 -12.08 -11.32
CA PRO A 210 2.60 -11.80 -10.23
C PRO A 210 1.25 -12.51 -10.31
N THR A 211 0.64 -12.63 -11.50
CA THR A 211 -0.68 -13.29 -11.55
C THR A 211 -0.59 -14.72 -11.04
N GLU A 212 0.45 -15.46 -11.47
CA GLU A 212 0.63 -16.84 -11.03
C GLU A 212 1.07 -16.92 -9.57
N ALA A 213 1.99 -16.04 -9.16
CA ALA A 213 2.47 -16.05 -7.77
C ALA A 213 1.35 -15.71 -6.79
N ILE A 214 0.51 -14.73 -7.13
CA ILE A 214 -0.57 -14.35 -6.22
C ILE A 214 -1.66 -15.42 -6.20
N ARG A 215 -1.94 -16.07 -7.34
CA ARG A 215 -2.90 -17.17 -7.31
C ARG A 215 -2.45 -18.25 -6.32
N ARG A 216 -1.17 -18.63 -6.35
CA ARG A 216 -0.67 -19.61 -5.39
C ARG A 216 -0.66 -19.05 -3.98
N GLY A 217 -0.24 -17.79 -3.83
CA GLY A 217 -0.16 -17.18 -2.51
C GLY A 217 -1.50 -17.16 -1.78
N ILE A 218 -2.57 -16.78 -2.49
CA ILE A 218 -3.89 -16.73 -1.84
C ILE A 218 -4.24 -18.06 -1.20
N ARG A 219 -3.94 -19.17 -1.89
CA ARG A 219 -4.22 -20.48 -1.32
C ARG A 219 -3.32 -20.77 -0.12
N TYR A 220 -2.06 -20.35 -0.20
CA TYR A 220 -1.08 -20.59 0.87
C TYR A 220 -1.38 -19.74 2.11
N TRP A 221 -1.90 -18.53 1.91
CA TRP A 221 -2.16 -17.57 2.96
C TRP A 221 -3.56 -17.65 3.54
N ASN A 222 -4.46 -18.39 2.89
CA ASN A 222 -5.89 -18.20 3.10
C ASN A 222 -6.26 -16.72 2.93
N GLY A 223 -5.88 -16.18 1.77
CA GLY A 223 -6.01 -14.75 1.54
C GLY A 223 -7.46 -14.33 1.37
N VAL A 224 -7.73 -13.06 1.70
CA VAL A 224 -9.06 -12.47 1.77
C VAL A 224 -9.06 -11.23 0.88
N VAL A 225 -10.09 -11.07 0.05
CA VAL A 225 -10.22 -9.88 -0.81
C VAL A 225 -11.54 -9.16 -0.54
N PRO A 226 -11.72 -7.92 -1.00
CA PRO A 226 -12.98 -7.21 -0.70
C PRO A 226 -14.18 -7.91 -1.30
N GLU A 227 -15.30 -7.85 -0.58
CA GLU A 227 -16.43 -8.74 -0.89
C GLU A 227 -17.05 -8.46 -2.27
N ARG A 228 -17.24 -7.20 -2.64
CA ARG A 228 -17.87 -6.92 -3.93
C ARG A 228 -17.00 -7.39 -5.09
N CYS A 229 -15.68 -7.20 -4.99
CA CYS A 229 -14.75 -7.71 -6.00
C CYS A 229 -14.75 -9.25 -6.02
N ARG A 230 -14.82 -9.89 -4.85
CA ARG A 230 -14.90 -11.34 -4.79
C ARG A 230 -16.14 -11.85 -5.51
N ARG A 231 -17.27 -11.17 -5.32
CA ARG A 231 -18.52 -11.58 -5.96
C ARG A 231 -18.46 -11.42 -7.48
N GLN A 232 -17.68 -10.47 -7.99
CA GLN A 232 -17.55 -10.32 -9.44
C GLN A 232 -16.73 -11.45 -10.05
N PHE A 233 -15.56 -11.73 -9.50
CA PHE A 233 -14.62 -12.66 -10.13
C PHE A 233 -14.80 -14.10 -9.68
N GLN A 234 -15.29 -14.33 -8.46
CA GLN A 234 -15.72 -15.62 -7.92
C GLN A 234 -14.57 -16.60 -7.64
N GLU A 235 -14.92 -17.83 -7.24
CA GLU A 235 -13.93 -18.77 -6.70
C GLU A 235 -12.86 -19.10 -7.73
N GLY A 236 -11.60 -19.13 -7.27
CA GLY A 236 -10.46 -19.38 -8.11
C GLY A 236 -9.91 -18.18 -8.84
N GLU A 237 -10.62 -17.05 -8.85
CA GLU A 237 -10.19 -15.90 -9.62
C GLU A 237 -9.97 -14.68 -8.74
N GLU A 238 -9.82 -14.89 -7.43
CA GLU A 238 -9.63 -13.79 -6.49
C GLU A 238 -8.33 -13.02 -6.71
N TRP A 239 -7.35 -13.60 -7.41
CA TRP A 239 -6.11 -12.89 -7.71
C TRP A 239 -6.37 -11.59 -8.47
N ASN A 240 -7.48 -11.52 -9.23
CA ASN A 240 -7.81 -10.31 -9.97
C ASN A 240 -7.91 -9.09 -9.07
N CYS A 241 -8.34 -9.28 -7.81
CA CYS A 241 -8.57 -8.16 -6.91
C CYS A 241 -7.28 -7.58 -6.32
N PHE A 242 -6.12 -8.19 -6.59
CA PHE A 242 -4.85 -7.59 -6.21
C PHE A 242 -4.37 -6.54 -7.21
N PHE A 243 -5.11 -6.33 -8.32
CA PHE A 243 -4.73 -5.37 -9.35
C PHE A 243 -5.65 -4.16 -9.30
N GLY A 244 -5.05 -2.99 -9.07
CA GLY A 244 -5.81 -1.81 -8.67
C GLY A 244 -6.94 -1.44 -9.61
N TYR A 245 -6.69 -1.47 -10.93
CA TYR A 245 -7.72 -1.00 -11.86
C TYR A 245 -8.94 -1.93 -11.87
N LYS A 246 -8.80 -3.15 -11.35
CA LYS A 246 -9.91 -4.09 -11.22
C LYS A 246 -10.62 -4.00 -9.87
N VAL A 247 -9.88 -3.79 -8.77
CA VAL A 247 -10.53 -3.72 -7.45
C VAL A 247 -11.06 -2.31 -7.13
N TYR A 248 -10.40 -1.26 -7.63
CA TYR A 248 -10.82 0.11 -7.28
C TYR A 248 -12.29 0.41 -7.60
N PRO A 249 -12.86 0.01 -8.76
CA PRO A 249 -14.28 0.35 -9.02
C PRO A 249 -15.26 -0.32 -8.09
N THR A 250 -14.83 -1.30 -7.28
CA THR A 250 -15.71 -1.99 -6.34
C THR A 250 -15.70 -1.36 -4.95
N LEU A 251 -14.84 -0.37 -4.72
CA LEU A 251 -14.67 0.19 -3.38
C LEU A 251 -15.63 1.35 -3.14
N ARG A 252 -16.07 1.47 -1.90
CA ARG A 252 -16.97 2.57 -1.54
C ARG A 252 -16.27 3.73 -0.85
N SER A 253 -15.17 3.48 -0.13
CA SER A 253 -14.42 4.52 0.56
C SER A 253 -13.66 5.38 -0.44
N PRO A 254 -13.48 6.68 -0.16
CA PRO A 254 -12.62 7.52 -1.02
C PRO A 254 -11.17 7.06 -0.98
N VAL A 255 -10.57 6.87 -2.16
CA VAL A 255 -9.18 6.42 -2.27
C VAL A 255 -8.41 7.33 -3.22
N PHE A 256 -7.30 7.88 -2.73
CA PHE A 256 -6.35 8.66 -3.53
C PHE A 256 -5.22 7.73 -4.00
N VAL A 257 -4.92 7.74 -5.32
CA VAL A 257 -3.95 6.82 -5.93
C VAL A 257 -2.69 7.58 -6.35
N VAL A 258 -1.55 7.21 -5.76
CA VAL A 258 -0.23 7.73 -6.15
C VAL A 258 0.51 6.62 -6.88
N GLN A 259 0.96 6.87 -8.11
CA GLN A 259 1.65 5.84 -8.89
C GLN A 259 2.58 6.48 -9.91
N TRP A 260 3.89 6.24 -9.79
CA TRP A 260 4.82 6.60 -10.85
C TRP A 260 4.41 5.88 -12.14
N LEU A 261 4.48 6.60 -13.28
CA LEU A 261 4.08 5.97 -14.54
C LEU A 261 5.04 4.88 -14.96
N PHE A 262 6.31 4.98 -14.58
CA PHE A 262 7.29 3.96 -14.93
C PHE A 262 7.85 3.35 -13.65
N ASP A 263 6.98 2.67 -12.89
CA ASP A 263 7.37 2.19 -11.57
C ASP A 263 8.44 1.09 -11.69
N GLU A 264 9.49 1.19 -10.87
CA GLU A 264 10.62 0.24 -10.99
C GLU A 264 10.19 -1.18 -10.67
N ALA A 265 9.26 -1.36 -9.73
CA ALA A 265 8.80 -2.71 -9.41
C ALA A 265 7.97 -3.30 -10.54
N GLN A 266 7.15 -2.46 -11.19
CA GLN A 266 6.42 -2.92 -12.38
C GLN A 266 7.40 -3.35 -13.48
N LEU A 267 8.45 -2.55 -13.73
CA LEU A 267 9.41 -2.93 -14.76
C LEU A 267 10.16 -4.22 -14.38
N THR A 268 10.44 -4.42 -13.09
CA THR A 268 11.09 -5.65 -12.64
C THR A 268 10.24 -6.88 -12.95
N VAL A 269 8.95 -6.85 -12.60
CA VAL A 269 8.07 -7.99 -12.88
C VAL A 269 7.78 -8.13 -14.37
N ASP A 270 8.04 -7.09 -15.16
CA ASP A 270 7.96 -7.19 -16.62
C ASP A 270 9.27 -7.66 -17.25
N ASN A 271 10.27 -7.98 -16.41
CA ASN A 271 11.57 -8.52 -16.85
C ASN A 271 12.34 -7.50 -17.70
N VAL A 272 12.22 -6.22 -17.31
CA VAL A 272 12.92 -5.08 -17.91
C VAL A 272 14.01 -4.61 -16.96
N HIS A 273 15.20 -4.32 -17.49
CA HIS A 273 16.26 -3.73 -16.68
C HIS A 273 16.83 -2.47 -17.35
N PRO A 278 21.54 2.07 -23.47
CA PRO A 278 21.29 2.20 -24.91
C PRO A 278 20.03 1.47 -25.35
N VAL A 279 18.90 2.16 -25.39
CA VAL A 279 17.60 1.53 -25.57
C VAL A 279 17.22 1.51 -27.04
N GLN A 280 16.97 0.32 -27.56
CA GLN A 280 16.64 0.18 -28.98
C GLN A 280 15.12 0.17 -29.14
N GLU A 281 14.68 0.10 -30.40
CA GLU A 281 13.29 0.41 -30.73
C GLU A 281 12.28 -0.47 -29.99
N GLY A 282 12.56 -1.78 -29.89
CA GLY A 282 11.58 -2.67 -29.27
C GLY A 282 11.29 -2.31 -27.81
N LEU A 283 12.36 -2.03 -27.04
CA LEU A 283 12.17 -1.67 -25.64
C LEU A 283 11.66 -0.24 -25.50
N ARG A 284 12.02 0.65 -26.42
CA ARG A 284 11.46 2.01 -26.40
C ARG A 284 9.93 1.96 -26.54
N LEU A 285 9.46 1.22 -27.54
CA LEU A 285 8.01 1.06 -27.71
C LEU A 285 7.37 0.40 -26.49
N TYR A 286 8.05 -0.59 -25.90
CA TYR A 286 7.49 -1.27 -24.72
C TYR A 286 7.32 -0.29 -23.54
N ILE A 287 8.35 0.51 -23.26
CA ILE A 287 8.29 1.45 -22.14
C ILE A 287 7.23 2.53 -22.40
N GLN A 288 7.13 3.02 -23.64
CA GLN A 288 6.14 4.07 -23.92
C GLN A 288 4.72 3.53 -23.80
N ASN A 289 4.52 2.27 -24.19
CA ASN A 289 3.19 1.66 -24.09
C ASN A 289 2.80 1.44 -22.63
N LEU A 290 3.76 1.13 -21.76
CA LEU A 290 3.46 0.97 -20.33
C LEU A 290 2.95 2.28 -19.75
N GLY A 291 3.65 3.38 -20.04
CA GLY A 291 3.17 4.68 -19.61
C GLY A 291 1.77 4.98 -20.12
N ARG A 292 1.51 4.71 -21.41
CA ARG A 292 0.18 4.95 -21.94
C ARG A 292 -0.87 4.09 -21.25
N GLU A 293 -0.57 2.81 -20.99
CA GLU A 293 -1.58 1.95 -20.39
C GLU A 293 -1.87 2.37 -18.95
N LEU A 294 -0.84 2.76 -18.20
N LEU A 294 -0.84 2.76 -18.20
CA LEU A 294 -1.07 3.20 -16.83
CA LEU A 294 -1.07 3.21 -16.83
C LEU A 294 -1.91 4.47 -16.81
C LEU A 294 -1.93 4.46 -16.81
N ARG A 295 -1.56 5.44 -17.66
CA ARG A 295 -2.35 6.67 -17.76
C ARG A 295 -3.80 6.36 -18.11
N HIS A 296 -4.03 5.37 -19.00
CA HIS A 296 -5.39 5.02 -19.37
C HIS A 296 -6.18 4.48 -18.17
N THR A 297 -5.56 3.63 -17.32
CA THR A 297 -6.28 3.09 -16.18
C THR A 297 -6.61 4.13 -15.13
N LEU A 298 -5.92 5.27 -15.14
CA LEU A 298 -6.18 6.33 -14.18
C LEU A 298 -7.11 7.41 -14.71
N LYS A 299 -7.60 7.29 -15.96
CA LYS A 299 -8.34 8.39 -16.59
C LYS A 299 -9.56 8.80 -15.77
N ASP A 300 -10.26 7.83 -15.19
CA ASP A 300 -11.48 8.06 -14.45
C ASP A 300 -11.28 7.84 -12.94
N VAL A 301 -10.08 8.09 -12.44
CA VAL A 301 -9.80 8.09 -11.00
C VAL A 301 -9.70 9.54 -10.56
N PRO A 302 -10.70 10.12 -9.88
CA PRO A 302 -10.70 11.57 -9.65
C PRO A 302 -9.63 12.07 -8.68
N ALA A 303 -9.10 11.25 -7.78
CA ALA A 303 -8.05 11.66 -6.85
C ALA A 303 -6.82 10.82 -7.14
N SER A 304 -5.82 11.41 -7.81
CA SER A 304 -4.66 10.63 -8.25
C SER A 304 -3.48 11.56 -8.52
N PHE A 305 -2.27 11.00 -8.40
CA PHE A 305 -1.03 11.75 -8.59
C PHE A 305 -0.06 10.80 -9.29
N ALA A 306 0.24 11.05 -10.56
CA ALA A 306 0.99 10.07 -11.38
C ALA A 306 2.04 10.73 -12.26
N PRO A 307 3.26 10.92 -11.73
CA PRO A 307 4.31 11.58 -12.52
C PRO A 307 5.10 10.65 -13.42
N ALA A 308 5.63 11.22 -14.50
CA ALA A 308 6.37 10.47 -15.52
C ALA A 308 7.84 10.27 -15.08
N CYS A 309 8.02 9.43 -14.05
CA CYS A 309 9.34 9.13 -13.51
C CYS A 309 9.54 7.62 -13.34
N LEU A 310 10.82 7.23 -13.33
CA LEU A 310 11.29 5.88 -12.98
C LEU A 310 11.68 5.91 -11.51
N SER A 311 10.80 5.39 -10.65
CA SER A 311 11.03 5.39 -9.20
C SER A 311 10.14 4.33 -8.55
N HIS A 312 10.15 4.27 -7.21
CA HIS A 312 9.32 3.34 -6.47
C HIS A 312 9.15 3.88 -5.05
N GLU A 313 7.89 4.06 -4.62
CA GLU A 313 7.50 4.65 -3.33
C GLU A 313 7.75 6.16 -3.26
N ILE A 314 7.00 6.87 -2.39
CA ILE A 314 7.26 8.29 -2.19
C ILE A 314 6.78 8.85 -0.85
N ILE A 315 5.66 8.35 -0.30
CA ILE A 315 5.00 9.18 0.73
C ILE A 315 5.73 9.21 2.08
N ILE A 316 6.61 8.26 2.41
CA ILE A 316 7.39 8.43 3.64
C ILE A 316 8.84 8.81 3.34
N ARG A 317 9.13 9.28 2.13
CA ARG A 317 10.45 9.84 1.85
C ARG A 317 10.50 11.28 2.34
N SER A 318 11.64 11.67 2.94
CA SER A 318 11.72 13.01 3.52
C SER A 318 11.63 14.11 2.47
N HIS A 319 12.02 13.83 1.23
CA HIS A 319 11.95 14.83 0.17
C HIS A 319 10.75 14.62 -0.74
N TRP A 320 9.67 14.05 -0.20
CA TRP A 320 8.45 13.83 -0.96
C TRP A 320 7.82 15.14 -1.42
N THR A 321 8.21 16.27 -0.83
CA THR A 321 7.62 17.55 -1.22
C THR A 321 8.15 18.09 -2.55
N ASP A 322 9.18 17.46 -3.12
CA ASP A 322 9.89 18.03 -4.27
C ASP A 322 9.23 17.77 -5.62
N VAL A 323 8.55 16.65 -5.80
N VAL A 323 8.51 16.65 -5.76
CA VAL A 323 8.03 16.31 -7.12
CA VAL A 323 7.92 16.26 -7.03
C VAL A 323 6.70 17.03 -7.35
C VAL A 323 6.69 17.11 -7.31
N GLN A 324 6.50 17.51 -8.57
CA GLN A 324 5.31 18.27 -8.97
C GLN A 324 4.76 17.76 -10.29
N VAL A 325 3.44 17.79 -10.44
CA VAL A 325 2.76 17.53 -11.72
C VAL A 325 1.97 18.78 -12.06
N LYS A 326 2.22 19.34 -13.25
CA LYS A 326 1.57 20.57 -13.70
C LYS A 326 1.70 21.67 -12.64
N GLY A 327 2.85 21.72 -11.96
CA GLY A 327 3.13 22.74 -10.98
C GLY A 327 2.61 22.48 -9.58
N THR A 328 1.97 21.34 -9.32
CA THR A 328 1.32 21.06 -8.04
C THR A 328 2.04 19.90 -7.34
N SER A 329 2.42 20.13 -6.08
CA SER A 329 3.13 19.08 -5.33
C SER A 329 2.15 18.04 -4.79
N LEU A 330 2.70 16.90 -4.36
CA LEU A 330 1.87 15.86 -3.75
C LEU A 330 1.24 16.32 -2.43
N PRO A 331 1.98 16.93 -1.49
CA PRO A 331 1.29 17.44 -0.29
C PRO A 331 0.17 18.42 -0.63
N ARG A 332 0.33 19.26 -1.66
CA ARG A 332 -0.75 20.18 -2.02
C ARG A 332 -1.96 19.41 -2.54
N ALA A 333 -1.74 18.43 -3.42
CA ALA A 333 -2.85 17.66 -3.97
C ALA A 333 -3.63 16.95 -2.88
N LEU A 334 -2.94 16.43 -1.86
CA LEU A 334 -3.64 15.78 -0.76
C LEU A 334 -4.48 16.78 0.04
N HIS A 335 -3.95 17.99 0.27
CA HIS A 335 -4.72 19.05 0.90
C HIS A 335 -5.95 19.43 0.07
N CYS A 336 -5.82 19.50 -1.26
CA CYS A 336 -6.97 19.79 -2.11
C CYS A 336 -8.01 18.67 -2.03
N TRP A 337 -7.55 17.41 -1.95
CA TRP A 337 -8.45 16.29 -1.70
C TRP A 337 -9.25 16.48 -0.41
N ASP A 338 -8.57 16.86 0.68
CA ASP A 338 -9.26 17.12 1.94
C ASP A 338 -10.36 18.16 1.76
N ARG A 339 -10.07 19.23 1.01
CA ARG A 339 -11.06 20.29 0.81
C ARG A 339 -12.26 19.78 0.00
N SER A 340 -12.01 18.95 -1.01
CA SER A 340 -13.07 18.43 -1.85
C SER A 340 -14.00 17.46 -1.10
N LEU A 341 -13.56 16.90 0.02
CA LEU A 341 -14.38 15.98 0.81
C LEU A 341 -15.08 16.66 1.99
N HIS A 342 -14.99 17.98 2.11
CA HIS A 342 -15.92 18.72 2.99
C HIS A 342 -17.36 18.42 2.58
N PRO A 351 -15.48 21.60 -8.41
CA PRO A 351 -14.03 21.72 -8.52
C PRO A 351 -13.47 22.98 -7.87
N LEU A 352 -12.24 22.93 -7.39
CA LEU A 352 -11.64 24.02 -6.63
C LEU A 352 -10.64 24.78 -7.50
N LYS A 353 -10.76 26.11 -7.52
CA LYS A 353 -9.89 26.94 -8.34
C LYS A 353 -8.46 26.87 -7.82
N GLY A 354 -7.51 26.49 -8.68
CA GLY A 354 -6.13 26.40 -8.28
C GLY A 354 -5.80 25.30 -7.29
N CYS A 355 -6.72 24.38 -7.02
CA CYS A 355 -6.51 23.31 -6.04
C CYS A 355 -6.94 21.98 -6.65
N PRO A 356 -6.12 21.43 -7.54
CA PRO A 356 -6.50 20.19 -8.24
C PRO A 356 -6.22 18.93 -7.43
N VAL A 357 -7.00 17.88 -7.75
CA VAL A 357 -6.93 16.59 -7.09
C VAL A 357 -6.56 15.46 -8.04
N HIS A 358 -6.76 15.63 -9.36
CA HIS A 358 -6.40 14.66 -10.40
C HIS A 358 -5.20 15.20 -11.19
N LEU A 359 -4.04 14.57 -11.04
CA LEU A 359 -2.77 15.08 -11.59
C LEU A 359 -2.03 13.93 -12.27
N VAL A 360 -2.09 13.84 -13.60
CA VAL A 360 -1.47 12.72 -14.33
C VAL A 360 -0.64 13.31 -15.46
N ASP A 361 0.66 12.98 -15.49
CA ASP A 361 1.55 13.48 -16.55
C ASP A 361 1.15 12.88 -17.90
N SER A 362 1.39 13.67 -18.96
CA SER A 362 1.12 13.21 -20.32
C SER A 362 2.38 12.96 -21.15
N CYS A 363 3.57 13.35 -20.67
CA CYS A 363 4.73 13.14 -21.50
C CYS A 363 5.18 11.68 -21.43
N PRO A 364 5.83 11.16 -22.49
CA PRO A 364 5.87 9.70 -22.68
C PRO A 364 7.15 8.97 -22.30
N TRP A 365 8.11 9.59 -21.59
CA TRP A 365 9.40 8.95 -21.27
C TRP A 365 9.83 9.26 -19.85
N PRO A 366 10.41 8.27 -19.11
CA PRO A 366 10.91 8.56 -17.75
C PRO A 366 11.75 9.82 -17.67
N HIS A 367 11.42 10.69 -16.73
CA HIS A 367 12.14 11.92 -16.42
C HIS A 367 11.85 13.03 -17.44
N CYS A 368 10.78 12.87 -18.21
CA CYS A 368 10.32 14.03 -18.99
C CYS A 368 9.72 15.12 -18.10
N ASN A 369 9.42 14.77 -16.85
CA ASN A 369 9.06 15.74 -15.82
C ASN A 369 10.34 16.15 -15.08
N PRO A 370 10.73 17.43 -15.10
CA PRO A 370 12.01 17.82 -14.50
C PRO A 370 12.07 17.68 -12.99
N SER A 371 10.95 17.49 -12.30
CA SER A 371 10.97 17.39 -10.85
C SER A 371 11.14 15.95 -10.35
N CYS A 372 11.38 14.99 -11.25
CA CYS A 372 11.54 13.60 -10.87
C CYS A 372 12.72 13.43 -9.91
N PRO A 373 12.62 12.51 -8.95
CA PRO A 373 13.73 12.30 -8.03
C PRO A 373 14.98 11.81 -8.76
N THR A 374 16.13 12.33 -8.35
CA THR A 374 17.41 11.96 -8.94
C THR A 374 17.87 10.61 -8.41
S SO4 B . 17.06 -8.75 9.04
O1 SO4 B . 15.81 -8.08 8.67
O2 SO4 B . 17.01 -9.01 10.47
O3 SO4 B . 17.21 -10.02 8.31
O4 SO4 B . 18.20 -7.87 8.77
C1 NAG C . -7.78 -12.08 19.10
C2 NAG C . -9.25 -11.95 19.49
C3 NAG C . -10.05 -13.12 18.92
C4 NAG C . -9.84 -13.22 17.42
C5 NAG C . -8.35 -13.30 17.10
C6 NAG C . -8.06 -13.28 15.62
C7 NAG C . -9.68 -10.77 21.60
C8 NAG C . -9.80 -10.89 23.09
N2 NAG C . -9.40 -11.90 20.94
O3 NAG C . -11.43 -12.92 19.20
O4 NAG C . -10.50 -14.39 16.92
O5 NAG C . -7.68 -12.16 17.67
O6 NAG C . -8.73 -12.21 14.96
O7 NAG C . -9.85 -9.70 21.01
S DMS D . 1.62 -10.03 -15.20
O DMS D . 2.73 -9.02 -15.20
C1 DMS D . 1.71 -10.92 -13.67
C2 DMS D . 1.99 -11.31 -16.44
S SO4 E . -4.48 15.34 -18.48
O1 SO4 E . -4.42 14.54 -17.26
O2 SO4 E . -5.35 16.49 -18.25
O3 SO4 E . -5.02 14.51 -19.56
O4 SO4 E . -3.15 15.81 -18.84
S SO4 F . 4.41 -25.23 4.79
O1 SO4 F . 4.88 -23.86 5.00
O2 SO4 F . 3.45 -25.58 5.83
O3 SO4 F . 3.82 -25.40 3.48
O4 SO4 F . 5.54 -26.15 4.91
S SO4 G . -2.22 19.77 9.55
O1 SO4 G . -2.40 20.91 10.46
O2 SO4 G . -3.44 19.62 8.75
O3 SO4 G . -1.07 20.01 8.68
O4 SO4 G . -2.04 18.59 10.37
S SO4 H . 16.73 2.30 -32.69
O1 SO4 H . 16.72 2.98 -31.40
O2 SO4 H . 15.54 2.66 -33.46
O3 SO4 H . 17.92 2.71 -33.45
O4 SO4 H . 16.77 0.85 -32.49
C4 LO5 I . 3.36 -6.83 -7.48
C5 LO5 I . 4.17 -6.46 -6.41
C6 LO5 I . 5.65 -6.19 -6.64
C7 LO5 I . 7.27 -7.93 -6.66
C8 LO5 I . 8.59 -7.28 -6.92
C10 LO5 I . 10.45 -6.50 -5.69
N LO5 I . 6.44 -7.08 -5.81
C LO5 I . 3.63 -6.34 -5.12
O LO5 I . 9.47 -8.16 -7.26
C1 LO5 I . 2.28 -6.58 -4.91
C11 LO5 I . 10.82 -7.58 -6.77
C12 LO5 I . -0.25 -7.07 -7.43
C2 LO5 I . 1.45 -6.97 -5.99
C3 LO5 I . 1.98 -7.09 -7.25
C9 LO5 I . 9.17 -6.57 -5.54
O1 LO5 I . 0.93 -7.46 -8.11
O2 LO5 I . 0.06 -7.26 -6.08
C4 LO5 J . 10.97 -19.50 13.70
C5 LO5 J . 11.35 -20.02 14.92
C6 LO5 J . 12.55 -19.43 15.67
C7 LO5 J . 11.42 -17.55 16.62
C8 LO5 J . 10.89 -16.94 17.89
C10 LO5 J . 11.91 -14.96 18.77
N LO5 J . 12.13 -18.78 16.91
C LO5 J . 10.63 -21.08 15.47
O LO5 J . 9.99 -16.04 17.63
C1 LO5 J . 9.54 -21.60 14.79
C11 LO5 J . 10.40 -14.77 18.40
C12 LO5 J . 8.10 -20.43 11.62
C2 LO5 J . 9.15 -21.07 13.53
C3 LO5 J . 9.86 -20.03 12.99
C9 LO5 J . 12.15 -16.22 18.71
O1 LO5 J . 9.28 -19.68 11.75
O2 LO5 J . 8.12 -21.41 12.64
#